data_7AAZ
#
_entry.id   7AAZ
#
_cell.length_a   78.629
_cell.length_b   78.629
_cell.length_c   137.470
_cell.angle_alpha   90.000
_cell.angle_beta   90.000
_cell.angle_gamma   90.000
#
_symmetry.space_group_name_H-M   'P 43 21 2'
#
loop_
_entity.id
_entity.type
_entity.pdbx_description
1 polymer 'Tyrosine-protein kinase Mer'
2 non-polymer 2-azanyl-~{N}-[(1~{S},2~{S})-2-[[4-[4-[(4-methylpiperazin-1-yl)methyl]phenyl]phenyl]methoxy]cyclopentyl]-5-(1-methylpyrazol-4-yl)pyridine-3-carboxamide
3 non-polymer 'CHLORIDE ION'
4 non-polymer 1,2-ETHANEDIOL
5 water water
#
_entity_poly.entity_id   1
_entity_poly.type   'polypeptide(L)'
_entity_poly.pdbx_seq_one_letter_code
;GSEELQNKLEDVVIDRNLLILGKILGEGEFGSVMEGNLKQEDGTSLKVAVKTMKLDNSSQREIEEFLSEAACMKDFSHPN
VIRLLGVCIEMSSQGIPKPMVILPFMKYGDLHTYLLYSRLETGPKHIPLQTLLKFMVDIALGMEYLSNRNFLHRDLAARN
CMLRDDMTVCVADFGLSKKIYSGDYYRQGRIAKMPVKWIAIESLADRVYTSKSDVWAFGVTMWEIATRGMTPYPGVQNHE
MYDYLLHGHRLKQPEDCLDELYEIMYSCWRTDPLDRPTFSVLRLQLEKLLESLPDV
;
_entity_poly.pdbx_strand_id   A
#
loop_
_chem_comp.id
_chem_comp.type
_chem_comp.name
_chem_comp.formula
CL non-polymer 'CHLORIDE ION' 'Cl -1'
EDO non-polymer 1,2-ETHANEDIOL 'C2 H6 O2'
R6K non-polymer 2-azanyl-~{N}-[(1~{S},2~{S})-2-[[4-[4-[(4-methylpiperazin-1-yl)methyl]phenyl]phenyl]methoxy]cyclopentyl]-5-(1-methylpyrazol-4-yl)pyridine-3-carboxamide 'C34 H41 N7 O2'
#
# COMPACT_ATOMS: atom_id res chain seq x y z
N GLN A 6 13.35 20.61 -13.72
CA GLN A 6 14.33 20.81 -12.60
C GLN A 6 13.85 21.70 -11.44
N ASN A 7 12.56 22.09 -11.42
CA ASN A 7 11.95 22.83 -10.30
C ASN A 7 11.37 21.88 -9.25
N LYS A 8 10.41 21.04 -9.66
CA LYS A 8 9.89 19.94 -8.81
C LYS A 8 10.93 18.81 -8.63
N LEU A 9 11.79 18.59 -9.64
CA LEU A 9 12.87 17.58 -9.60
C LEU A 9 14.02 17.91 -8.64
N GLU A 10 14.43 19.18 -8.59
CA GLU A 10 15.38 19.62 -7.57
C GLU A 10 14.70 19.58 -6.19
N ASP A 11 13.48 20.12 -6.12
CA ASP A 11 12.74 20.25 -4.85
C ASP A 11 12.53 18.91 -4.12
N VAL A 12 12.39 17.81 -4.86
CA VAL A 12 12.08 16.53 -4.25
C VAL A 12 13.32 15.93 -3.57
N VAL A 13 14.51 16.27 -4.05
CA VAL A 13 15.75 15.68 -3.56
C VAL A 13 16.16 16.34 -2.24
N ILE A 14 16.52 15.50 -1.27
CA ILE A 14 17.02 15.91 0.03
C ILE A 14 18.49 15.55 0.09
N ASP A 15 19.31 16.51 0.51
CA ASP A 15 20.75 16.31 0.70
C ASP A 15 21.06 15.14 1.68
N ARG A 16 21.84 14.17 1.21
CA ARG A 16 22.18 12.98 2.00
C ARG A 16 22.81 13.24 3.37
N ASN A 17 23.55 14.35 3.46
CA ASN A 17 24.22 14.77 4.69
C ASN A 17 23.26 15.21 5.78
N LEU A 18 22.06 15.62 5.41
CA LEU A 18 21.04 15.98 6.40
C LEU A 18 20.43 14.76 7.10
N LEU A 19 20.82 13.53 6.71
CA LEU A 19 20.17 12.30 7.17
C LEU A 19 21.11 11.40 7.90
N ILE A 20 20.71 11.00 9.11
CA ILE A 20 21.43 9.97 9.85
C ILE A 20 20.56 8.73 9.98
N LEU A 21 21.08 7.61 9.48
CA LEU A 21 20.42 6.32 9.50
C LEU A 21 20.59 5.65 10.84
N GLY A 22 19.48 5.14 11.39
CA GLY A 22 19.46 4.39 12.63
C GLY A 22 19.20 2.94 12.30
N LYS A 23 18.35 2.28 13.08
CA LYS A 23 18.20 0.83 12.96
C LYS A 23 17.30 0.36 11.82
N ILE A 24 17.54 -0.87 11.38
CA ILE A 24 16.68 -1.52 10.39
C ILE A 24 15.43 -2.04 11.08
N LEU A 25 14.28 -1.63 10.57
CA LEU A 25 12.99 -2.04 11.09
C LEU A 25 12.42 -3.20 10.32
N GLY A 26 12.82 -3.35 9.07
CA GLY A 26 12.32 -4.44 8.25
C GLY A 26 13.20 -4.55 7.03
N GLU A 27 13.37 -5.76 6.56
CA GLU A 27 14.28 -6.04 5.46
C GLU A 27 13.69 -7.17 4.66
N GLY A 28 13.49 -6.95 3.36
CA GLY A 28 12.98 -7.99 2.48
C GLY A 28 13.76 -8.05 1.19
N GLU A 29 13.26 -8.84 0.27
CA GLU A 29 13.93 -9.10 -1.00
C GLU A 29 14.04 -7.82 -1.85
N PHE A 30 13.09 -6.89 -1.69
CA PHE A 30 13.01 -5.72 -2.56
C PHE A 30 13.40 -4.42 -1.87
N GLY A 31 14.01 -4.51 -0.69
CA GLY A 31 14.44 -3.32 0.02
C GLY A 31 14.25 -3.45 1.52
N SER A 32 14.47 -2.34 2.20
CA SER A 32 14.46 -2.28 3.67
C SER A 32 13.83 -0.98 4.14
N VAL A 33 13.36 -0.98 5.38
CA VAL A 33 12.86 0.22 6.04
C VAL A 33 13.73 0.45 7.27
N MET A 34 14.25 1.66 7.39
CA MET A 34 15.06 2.04 8.52
C MET A 34 14.50 3.28 9.16
N GLU A 35 14.75 3.40 10.46
CA GLU A 35 14.58 4.65 11.22
C GLU A 35 15.70 5.56 10.80
N GLY A 36 15.43 6.86 10.85
CA GLY A 36 16.43 7.86 10.53
C GLY A 36 16.12 9.15 11.23
N ASN A 37 17.10 10.06 11.22
CA ASN A 37 16.87 11.44 11.66
C ASN A 37 17.30 12.42 10.58
N LEU A 38 16.44 13.38 10.33
CA LEU A 38 16.64 14.36 9.31
C LEU A 38 16.84 15.74 9.94
N LYS A 39 18.03 16.31 9.81
CA LYS A 39 18.32 17.66 10.34
C LYS A 39 17.45 18.70 9.62
N GLN A 40 16.73 19.53 10.39
CA GLN A 40 15.86 20.59 9.86
C GLN A 40 16.60 21.92 9.68
N GLU A 41 15.99 22.85 8.94
CA GLU A 41 16.50 24.23 8.79
C GLU A 41 16.58 24.96 10.15
N ASP A 42 15.66 24.64 11.07
CA ASP A 42 15.60 25.24 12.40
C ASP A 42 16.66 24.73 13.41
N GLY A 43 17.52 23.79 13.02
CA GLY A 43 18.48 23.17 13.95
C GLY A 43 17.97 21.89 14.62
N THR A 44 16.65 21.75 14.71
CA THR A 44 16.00 20.52 15.22
C THR A 44 16.16 19.32 14.25
N SER A 45 15.95 18.12 14.78
CA SER A 45 15.97 16.87 14.02
C SER A 45 14.55 16.32 13.92
N LEU A 46 14.23 15.71 12.78
CA LEU A 46 12.92 15.08 12.58
C LEU A 46 13.12 13.57 12.46
N LYS A 47 12.36 12.81 13.23
CA LYS A 47 12.36 11.35 13.10
C LYS A 47 11.65 10.98 11.80
N VAL A 48 12.28 10.13 11.01
CA VAL A 48 11.72 9.70 9.71
C VAL A 48 11.96 8.21 9.50
N ALA A 49 11.16 7.63 8.59
CA ALA A 49 11.42 6.32 8.05
C ALA A 49 12.06 6.46 6.69
N VAL A 50 12.93 5.51 6.37
CA VAL A 50 13.71 5.53 5.17
C VAL A 50 13.56 4.20 4.45
N LYS A 51 13.07 4.26 3.21
CA LYS A 51 12.82 3.08 2.43
C LYS A 51 13.91 3.01 1.38
N THR A 52 14.68 1.95 1.41
CA THR A 52 15.66 1.66 0.38
C THR A 52 15.05 0.65 -0.59
N MET A 53 15.59 0.61 -1.79
CA MET A 53 15.09 -0.24 -2.86
C MET A 53 16.25 -1.16 -3.16
N LYS A 54 15.97 -2.43 -3.41
CA LYS A 54 17.08 -3.35 -3.67
C LYS A 54 17.23 -3.43 -5.20
N LEU A 55 17.83 -2.38 -5.78
CA LEU A 55 17.96 -2.22 -7.24
C LEU A 55 19.29 -2.78 -7.77
N ASP A 56 19.19 -3.85 -8.56
CA ASP A 56 20.34 -4.46 -9.25
C ASP A 56 19.95 -4.70 -10.71
N ASN A 57 20.20 -3.69 -11.55
CA ASN A 57 19.84 -3.70 -12.98
C ASN A 57 18.35 -3.93 -13.28
N SER A 58 17.50 -3.51 -12.35
CA SER A 58 16.05 -3.72 -12.44
C SER A 58 15.35 -2.64 -13.28
N SER A 59 15.93 -1.43 -13.34
CA SER A 59 15.29 -0.29 -14.01
C SER A 59 15.60 -0.22 -15.52
N GLN A 60 14.63 0.30 -16.29
CA GLN A 60 14.79 0.59 -17.74
C GLN A 60 14.55 2.09 -18.03
N ARG A 61 14.65 2.93 -16.99
CA ARG A 61 14.71 4.40 -17.12
C ARG A 61 15.88 4.92 -16.24
N GLU A 62 16.27 6.17 -16.47
CA GLU A 62 17.28 6.87 -15.67
C GLU A 62 16.61 7.37 -14.41
N ILE A 63 17.44 7.61 -13.38
CA ILE A 63 17.01 8.02 -12.03
C ILE A 63 16.10 9.26 -11.98
N GLU A 64 16.20 10.12 -12.99
CA GLU A 64 15.32 11.28 -13.15
C GLU A 64 13.87 10.87 -13.16
N GLU A 65 13.60 9.71 -13.77
CA GLU A 65 12.24 9.19 -13.85
C GLU A 65 11.72 8.84 -12.47
N PHE A 66 12.53 8.13 -11.70
CA PHE A 66 12.23 7.84 -10.30
C PHE A 66 11.90 9.13 -9.54
N LEU A 67 12.75 10.15 -9.70
CA LEU A 67 12.54 11.41 -9.03
C LEU A 67 11.29 12.12 -9.46
N SER A 68 10.97 12.11 -10.77
CA SER A 68 9.76 12.83 -11.20
C SER A 68 8.49 12.12 -10.71
N GLU A 69 8.50 10.79 -10.64
CA GLU A 69 7.38 10.07 -10.03
C GLU A 69 7.24 10.45 -8.53
N ALA A 70 8.35 10.41 -7.80
CA ALA A 70 8.37 10.82 -6.39
C ALA A 70 7.88 12.26 -6.18
N ALA A 71 8.33 13.17 -7.04
CA ALA A 71 7.82 14.57 -6.98
C ALA A 71 6.30 14.67 -7.09
N CYS A 72 5.70 13.90 -7.99
N CYS A 72 5.67 13.91 -7.99
CA CYS A 72 4.24 13.85 -8.13
CA CYS A 72 4.20 13.89 -8.06
C CYS A 72 3.57 13.35 -6.83
C CYS A 72 3.62 13.42 -6.74
N MET A 73 4.18 12.34 -6.21
CA MET A 73 3.68 11.76 -4.95
C MET A 73 3.88 12.68 -3.77
N LYS A 74 4.92 13.51 -3.79
CA LYS A 74 5.11 14.54 -2.75
C LYS A 74 3.96 15.55 -2.70
N ASP A 75 3.26 15.75 -3.81
CA ASP A 75 2.07 16.60 -3.87
C ASP A 75 0.80 15.96 -3.33
N PHE A 76 0.79 14.66 -3.08
CA PHE A 76 -0.41 14.03 -2.50
C PHE A 76 -0.74 14.72 -1.18
N SER A 77 -2.00 15.13 -1.03
CA SER A 77 -2.43 15.81 0.17
C SER A 77 -3.77 15.27 0.55
N HIS A 78 -3.75 14.23 1.39
CA HIS A 78 -4.96 13.57 1.84
C HIS A 78 -4.64 12.80 3.13
N PRO A 79 -5.55 12.84 4.13
CA PRO A 79 -5.22 12.19 5.42
C PRO A 79 -4.93 10.68 5.33
N ASN A 80 -5.55 10.03 4.37
CA ASN A 80 -5.41 8.61 4.15
C ASN A 80 -4.42 8.16 3.11
N VAL A 81 -3.47 9.03 2.76
CA VAL A 81 -2.40 8.76 1.80
C VAL A 81 -1.15 9.28 2.46
N ILE A 82 -0.12 8.45 2.57
CA ILE A 82 1.12 8.91 3.14
C ILE A 82 1.78 9.92 2.21
N ARG A 83 2.39 10.95 2.79
CA ARG A 83 3.03 12.00 1.98
C ARG A 83 4.53 11.88 2.14
N LEU A 84 5.26 11.56 1.09
CA LEU A 84 6.70 11.41 1.24
C LEU A 84 7.33 12.81 1.43
N LEU A 85 8.45 12.85 2.13
CA LEU A 85 9.17 14.07 2.43
C LEU A 85 10.18 14.36 1.34
N GLY A 86 10.78 13.32 0.77
CA GLY A 86 11.71 13.50 -0.32
C GLY A 86 12.45 12.23 -0.62
N VAL A 87 13.50 12.36 -1.40
CA VAL A 87 14.31 11.24 -1.81
C VAL A 87 15.75 11.64 -1.60
N CYS A 88 16.56 10.76 -1.03
CA CYS A 88 18.03 10.94 -0.96
C CYS A 88 18.66 9.97 -1.92
N ILE A 89 19.82 10.35 -2.46
CA ILE A 89 20.56 9.50 -3.39
C ILE A 89 21.87 9.15 -2.75
N GLU A 90 22.26 7.90 -2.91
CA GLU A 90 23.50 7.38 -2.39
C GLU A 90 24.16 6.66 -3.54
N MET A 91 25.40 7.03 -3.84
CA MET A 91 26.13 6.47 -4.96
C MET A 91 26.72 5.15 -4.55
N SER A 92 26.66 4.17 -5.44
CA SER A 92 27.35 2.88 -5.24
C SER A 92 28.82 3.04 -5.59
N SER A 93 29.64 2.05 -5.24
CA SER A 93 31.08 2.04 -5.61
C SER A 93 31.29 1.96 -7.13
N GLN A 94 30.37 1.29 -7.84
CA GLN A 94 30.34 1.28 -9.33
C GLN A 94 29.68 2.53 -9.95
N GLY A 95 29.49 3.61 -9.18
CA GLY A 95 28.93 4.87 -9.67
C GLY A 95 27.46 4.89 -9.99
N ILE A 96 26.68 3.95 -9.44
CA ILE A 96 25.23 3.87 -9.71
C ILE A 96 24.47 4.58 -8.58
N PRO A 97 23.54 5.48 -8.93
CA PRO A 97 22.77 6.15 -7.86
C PRO A 97 21.74 5.19 -7.25
N LYS A 98 21.62 5.19 -5.92
CA LYS A 98 20.67 4.34 -5.18
C LYS A 98 19.71 5.27 -4.43
N PRO A 99 18.42 5.28 -4.79
CA PRO A 99 17.54 6.23 -4.16
C PRO A 99 17.00 5.74 -2.80
N MET A 100 16.67 6.68 -1.93
CA MET A 100 16.15 6.41 -0.61
C MET A 100 14.94 7.29 -0.42
N VAL A 101 13.79 6.69 -0.22
CA VAL A 101 12.58 7.48 -0.02
C VAL A 101 12.44 7.78 1.46
N ILE A 102 12.16 9.04 1.78
CA ILE A 102 12.14 9.53 3.14
C ILE A 102 10.70 9.86 3.47
N LEU A 103 10.18 9.23 4.50
CA LEU A 103 8.78 9.29 4.86
C LEU A 103 8.67 9.80 6.28
N PRO A 104 7.55 10.42 6.64
CA PRO A 104 7.29 10.70 8.03
C PRO A 104 7.16 9.40 8.82
N PHE A 105 7.60 9.42 10.08
CA PHE A 105 7.64 8.19 10.88
C PHE A 105 6.28 7.90 11.48
N MET A 106 5.70 6.75 11.18
CA MET A 106 4.36 6.40 11.66
C MET A 106 4.53 5.45 12.82
N LYS A 107 4.26 5.95 14.03
CA LYS A 107 4.77 5.25 15.22
C LYS A 107 4.18 3.86 15.40
N TYR A 108 2.93 3.70 15.04
CA TYR A 108 2.24 2.41 15.19
C TYR A 108 2.54 1.36 14.15
N GLY A 109 3.27 1.73 13.11
CA GLY A 109 3.65 0.77 12.08
C GLY A 109 2.49 0.39 11.16
N ASP A 110 2.65 -0.75 10.50
CA ASP A 110 1.70 -1.21 9.49
C ASP A 110 0.45 -1.86 10.10
N LEU A 111 -0.64 -1.73 9.37
CA LEU A 111 -1.94 -2.21 9.81
C LEU A 111 -1.97 -3.70 10.00
N HIS A 112 -1.30 -4.46 9.11
CA HIS A 112 -1.34 -5.91 9.24
C HIS A 112 -0.78 -6.40 10.62
N THR A 113 0.42 -5.96 10.93
CA THR A 113 1.07 -6.30 12.18
C THR A 113 0.26 -5.82 13.39
N TYR A 114 -0.30 -4.62 13.30
CA TYR A 114 -1.19 -4.15 14.32
C TYR A 114 -2.37 -5.05 14.60
N LEU A 115 -2.99 -5.59 13.55
CA LEU A 115 -4.09 -6.52 13.73
C LEU A 115 -3.67 -7.80 14.48
N LEU A 116 -2.48 -8.30 14.15
CA LEU A 116 -1.97 -9.50 14.76
C LEU A 116 -1.69 -9.20 16.24
N TYR A 117 -0.98 -8.10 16.53
CA TYR A 117 -0.68 -7.70 17.93
C TYR A 117 -1.96 -7.62 18.77
N SER A 118 -3.04 -7.18 18.13
CA SER A 118 -4.33 -7.00 18.83
C SER A 118 -4.89 -8.33 19.30
N ARG A 119 -4.45 -9.44 18.71
CA ARG A 119 -4.87 -10.75 19.18
C ARG A 119 -4.02 -11.30 20.37
N LEU A 120 -3.10 -10.48 20.89
CA LEU A 120 -2.30 -10.82 22.03
C LEU A 120 -2.72 -9.95 23.22
N GLU A 121 -2.57 -10.45 24.45
CA GLU A 121 -2.91 -9.66 25.68
C GLU A 121 -2.14 -8.36 25.82
N THR A 122 -0.86 -8.33 25.48
CA THR A 122 -0.05 -7.11 25.59
C THR A 122 -0.28 -6.10 24.47
N GLY A 123 -0.93 -6.52 23.39
CA GLY A 123 -1.06 -5.63 22.27
C GLY A 123 -2.08 -4.52 22.46
N PRO A 124 -2.42 -3.85 21.36
CA PRO A 124 -3.67 -3.15 21.29
C PRO A 124 -4.78 -4.01 21.83
N LYS A 125 -5.76 -3.39 22.44
CA LYS A 125 -6.97 -4.06 22.85
C LYS A 125 -7.73 -4.66 21.67
N HIS A 126 -8.55 -5.65 21.95
CA HIS A 126 -9.44 -6.25 20.97
C HIS A 126 -10.18 -5.17 20.15
N ILE A 127 -10.05 -5.23 18.83
CA ILE A 127 -10.54 -4.15 17.99
C ILE A 127 -12.03 -4.42 17.70
N PRO A 128 -12.92 -3.47 18.09
CA PRO A 128 -14.33 -3.60 17.78
C PRO A 128 -14.63 -3.61 16.26
N LEU A 129 -15.68 -4.32 15.84
CA LEU A 129 -16.17 -4.35 14.47
C LEU A 129 -16.21 -2.97 13.81
N GLN A 130 -16.72 -1.97 14.54
CA GLN A 130 -16.83 -0.61 14.00
C GLN A 130 -15.52 0.07 13.71
N THR A 131 -14.51 -0.22 14.52
CA THR A 131 -13.18 0.28 14.24
C THR A 131 -12.59 -0.43 13.02
N LEU A 132 -12.87 -1.73 12.88
CA LEU A 132 -12.39 -2.50 11.73
C LEU A 132 -12.94 -1.84 10.46
N LEU A 133 -14.23 -1.55 10.54
CA LEU A 133 -14.95 -0.94 9.43
C LEU A 133 -14.41 0.46 9.15
N LYS A 134 -14.05 1.25 10.17
CA LYS A 134 -13.43 2.55 9.90
C LYS A 134 -12.09 2.43 9.19
N PHE A 135 -11.32 1.40 9.54
CA PHE A 135 -10.06 1.14 8.80
C PHE A 135 -10.32 0.97 7.31
N MET A 136 -11.36 0.21 6.97
CA MET A 136 -11.74 -0.06 5.60
C MET A 136 -12.20 1.21 4.85
N VAL A 137 -12.94 2.08 5.54
CA VAL A 137 -13.37 3.36 4.96
C VAL A 137 -12.16 4.24 4.68
N ASP A 138 -11.28 4.32 5.67
CA ASP A 138 -10.02 5.06 5.56
C ASP A 138 -9.21 4.67 4.31
N ILE A 139 -9.07 3.35 4.09
CA ILE A 139 -8.37 2.83 2.92
C ILE A 139 -9.17 3.17 1.66
N ALA A 140 -10.50 3.01 1.70
CA ALA A 140 -11.33 3.35 0.54
C ALA A 140 -11.21 4.82 0.13
N LEU A 141 -11.11 5.72 1.12
CA LEU A 141 -10.97 7.14 0.88
C LEU A 141 -9.61 7.45 0.24
N GLY A 142 -8.56 6.83 0.74
CA GLY A 142 -7.23 6.96 0.16
C GLY A 142 -7.18 6.46 -1.25
N MET A 143 -7.76 5.29 -1.52
CA MET A 143 -7.77 4.75 -2.88
C MET A 143 -8.64 5.58 -3.83
N GLU A 144 -9.72 6.15 -3.31
CA GLU A 144 -10.58 7.02 -4.09
C GLU A 144 -9.79 8.25 -4.56
N TYR A 145 -9.06 8.85 -3.63
CA TYR A 145 -8.16 9.94 -3.94
C TYR A 145 -7.12 9.59 -5.01
N LEU A 146 -6.46 8.45 -4.87
CA LEU A 146 -5.46 8.03 -5.81
C LEU A 146 -6.05 7.66 -7.14
N SER A 147 -7.17 6.92 -7.15
CA SER A 147 -7.81 6.56 -8.40
C SER A 147 -8.40 7.77 -9.13
N ASN A 148 -8.81 8.79 -8.39
CA ASN A 148 -9.19 10.08 -8.99
C ASN A 148 -8.06 10.86 -9.62
N ARG A 149 -6.82 10.49 -9.31
CA ARG A 149 -5.66 11.08 -9.93
C ARG A 149 -5.06 10.12 -10.93
N ASN A 150 -5.83 9.12 -11.34
CA ASN A 150 -5.39 8.13 -12.33
C ASN A 150 -4.15 7.33 -11.96
N PHE A 151 -3.94 7.14 -10.65
CA PHE A 151 -2.89 6.23 -10.16
C PHE A 151 -3.41 4.81 -10.00
N LEU A 152 -2.56 3.85 -10.37
CA LEU A 152 -2.67 2.45 -10.05
C LEU A 152 -1.73 2.18 -8.88
N HIS A 153 -2.26 1.62 -7.80
CA HIS A 153 -1.42 1.30 -6.64
C HIS A 153 -0.51 0.11 -6.88
N ARG A 154 -1.11 -1.05 -7.23
CA ARG A 154 -0.44 -2.29 -7.61
C ARG A 154 0.25 -3.09 -6.52
N ASP A 155 0.10 -2.69 -5.29
CA ASP A 155 0.58 -3.48 -4.16
C ASP A 155 -0.26 -3.15 -2.94
N LEU A 156 -1.57 -3.24 -3.11
CA LEU A 156 -2.50 -2.84 -2.09
C LEU A 156 -2.76 -4.08 -1.20
N ALA A 157 -2.28 -4.00 0.03
CA ALA A 157 -2.49 -5.01 1.05
C ALA A 157 -2.40 -4.34 2.40
N ALA A 158 -2.92 -4.98 3.44
CA ALA A 158 -2.88 -4.40 4.80
C ALA A 158 -1.48 -4.12 5.32
N ARG A 159 -0.51 -4.92 4.90
CA ARG A 159 0.88 -4.69 5.28
C ARG A 159 1.47 -3.36 4.74
N ASN A 160 0.89 -2.84 3.66
CA ASN A 160 1.31 -1.58 3.06
C ASN A 160 0.42 -0.41 3.43
N CYS A 161 -0.46 -0.61 4.41
CA CYS A 161 -1.23 0.48 4.98
C CYS A 161 -0.66 0.77 6.34
N MET A 162 -0.47 2.05 6.64
CA MET A 162 0.17 2.50 7.86
C MET A 162 -0.82 3.14 8.82
N LEU A 163 -0.50 3.08 10.10
CA LEU A 163 -1.35 3.67 11.15
C LEU A 163 -0.70 4.93 11.65
N ARG A 164 -1.40 6.05 11.51
CA ARG A 164 -0.96 7.32 12.10
C ARG A 164 -1.11 7.34 13.63
N ASP A 165 -0.50 8.32 14.29
CA ASP A 165 -0.64 8.55 15.76
C ASP A 165 -2.07 8.63 16.23
N ASP A 166 -2.96 9.18 15.41
CA ASP A 166 -4.37 9.26 15.74
C ASP A 166 -5.21 8.06 15.27
N MET A 167 -4.56 6.95 14.92
CA MET A 167 -5.26 5.71 14.44
C MET A 167 -6.00 5.85 13.12
N THR A 168 -5.57 6.82 12.32
CA THR A 168 -6.04 7.00 10.96
C THR A 168 -5.17 6.05 10.13
N VAL A 169 -5.78 5.27 9.26
CA VAL A 169 -5.00 4.45 8.35
C VAL A 169 -4.65 5.28 7.11
N CYS A 170 -3.41 5.19 6.64
CA CYS A 170 -3.09 5.69 5.32
C CYS A 170 -2.47 4.65 4.37
N VAL A 171 -2.83 4.74 3.10
CA VAL A 171 -2.27 3.93 2.05
C VAL A 171 -0.83 4.32 1.84
N ALA A 172 0.04 3.32 1.78
CA ALA A 172 1.45 3.55 1.57
C ALA A 172 2.05 2.53 0.58
N ASP A 173 3.36 2.33 0.62
CA ASP A 173 4.17 1.56 -0.33
C ASP A 173 3.81 1.74 -1.81
N PHE A 174 4.24 2.88 -2.33
CA PHE A 174 4.06 3.26 -3.72
C PHE A 174 5.14 2.75 -4.66
N GLY A 175 5.97 1.80 -4.22
CA GLY A 175 7.06 1.28 -5.02
C GLY A 175 6.70 0.70 -6.37
N LEU A 176 5.45 0.29 -6.56
CA LEU A 176 5.01 -0.22 -7.85
C LEU A 176 3.92 0.62 -8.46
N SER A 177 3.61 1.76 -7.86
CA SER A 177 2.50 2.58 -8.26
C SER A 177 2.82 3.37 -9.53
N LYS A 178 1.83 3.59 -10.38
CA LYS A 178 2.07 4.37 -11.61
C LYS A 178 0.78 4.98 -12.12
N LYS A 179 0.94 6.02 -12.93
CA LYS A 179 -0.18 6.60 -13.70
C LYS A 179 -0.66 5.64 -14.74
N ILE A 180 -1.97 5.60 -15.00
CA ILE A 180 -2.47 4.80 -16.11
C ILE A 180 -1.79 5.35 -17.38
N TYR A 181 -1.44 4.48 -18.28
CA TYR A 181 -0.78 4.96 -19.51
C TYR A 181 0.70 5.36 -19.37
N SER A 182 1.30 5.37 -18.19
CA SER A 182 2.75 5.68 -18.12
C SER A 182 3.53 4.43 -18.45
N GLY A 183 4.80 4.59 -18.77
CA GLY A 183 5.62 3.42 -19.05
C GLY A 183 6.01 2.70 -17.77
N ASP A 184 6.62 1.53 -17.95
CA ASP A 184 7.25 0.82 -16.85
C ASP A 184 8.61 1.43 -16.52
N TYR A 185 8.80 1.64 -15.23
CA TYR A 185 10.09 1.99 -14.69
C TYR A 185 10.96 0.72 -14.55
N TYR A 186 10.36 -0.36 -14.08
CA TYR A 186 11.09 -1.59 -13.83
C TYR A 186 10.95 -2.50 -15.03
N ARG A 187 11.87 -3.45 -15.14
CA ARG A 187 11.81 -4.51 -16.14
C ARG A 187 10.79 -5.57 -15.69
N GLN A 188 10.84 -6.76 -16.28
CA GLN A 188 9.97 -7.88 -15.89
C GLN A 188 10.17 -8.42 -14.46
N GLY A 189 11.29 -8.07 -13.81
CA GLY A 189 11.60 -8.58 -12.47
C GLY A 189 10.76 -8.11 -11.28
N ARG A 190 10.10 -6.95 -11.40
CA ARG A 190 9.44 -6.29 -10.25
C ARG A 190 7.95 -6.61 -10.02
N ILE A 191 7.26 -7.16 -11.00
CA ILE A 191 6.00 -7.84 -10.70
C ILE A 191 6.17 -8.97 -9.65
N ALA A 192 7.34 -9.59 -9.56
CA ALA A 192 7.60 -10.58 -8.49
C ALA A 192 7.33 -10.07 -7.06
N LYS A 193 7.41 -8.76 -6.82
CA LYS A 193 7.02 -8.19 -5.54
C LYS A 193 5.50 -8.27 -5.30
N MET A 194 4.69 -8.31 -6.37
CA MET A 194 3.23 -8.35 -6.18
C MET A 194 2.84 -9.67 -5.51
N PRO A 195 2.16 -9.61 -4.35
CA PRO A 195 1.82 -10.90 -3.71
C PRO A 195 0.64 -11.56 -4.39
N VAL A 196 0.83 -12.80 -4.78
CA VAL A 196 -0.10 -13.51 -5.65
C VAL A 196 -1.55 -13.52 -5.16
N LYS A 197 -1.74 -13.68 -3.85
CA LYS A 197 -3.07 -13.80 -3.30
C LYS A 197 -3.82 -12.49 -3.24
N TRP A 198 -3.22 -11.39 -3.68
CA TRP A 198 -3.92 -10.11 -3.83
C TRP A 198 -4.15 -9.70 -5.30
N ILE A 199 -3.64 -10.48 -6.23
CA ILE A 199 -3.67 -10.14 -7.66
C ILE A 199 -4.99 -10.58 -8.30
N ALA A 200 -5.68 -9.65 -8.95
CA ALA A 200 -6.93 -9.93 -9.67
C ALA A 200 -6.75 -11.00 -10.73
N ILE A 201 -7.79 -11.79 -10.92
CA ILE A 201 -7.77 -12.87 -11.89
C ILE A 201 -7.29 -12.44 -13.29
N GLU A 202 -7.76 -11.33 -13.79
CA GLU A 202 -7.29 -10.86 -15.11
C GLU A 202 -5.77 -10.53 -15.14
N SER A 203 -5.24 -10.05 -14.01
CA SER A 203 -3.82 -9.73 -13.90
C SER A 203 -2.94 -10.94 -13.74
N LEU A 204 -3.50 -12.03 -13.23
CA LEU A 204 -2.80 -13.29 -13.22
C LEU A 204 -2.81 -13.90 -14.63
N ALA A 205 -3.92 -13.73 -15.35
CA ALA A 205 -4.05 -14.26 -16.72
C ALA A 205 -3.05 -13.56 -17.67
N ASP A 206 -2.95 -12.23 -17.57
CA ASP A 206 -2.12 -11.41 -18.48
C ASP A 206 -1.42 -10.28 -17.72
N ARG A 207 -0.30 -9.77 -18.23
CA ARG A 207 0.28 -8.53 -17.70
C ARG A 207 -0.72 -7.38 -17.97
N VAL A 208 -1.74 -7.29 -17.12
CA VAL A 208 -2.87 -6.38 -17.28
C VAL A 208 -3.27 -5.92 -15.88
N TYR A 209 -3.39 -4.62 -15.67
CA TYR A 209 -3.71 -4.12 -14.33
C TYR A 209 -4.39 -2.82 -14.47
N THR A 210 -5.58 -2.68 -13.93
CA THR A 210 -6.30 -1.42 -13.98
C THR A 210 -6.76 -1.04 -12.62
N SER A 211 -7.47 0.06 -12.54
CA SER A 211 -8.04 0.47 -11.29
C SER A 211 -9.00 -0.61 -10.68
N LYS A 212 -9.61 -1.41 -11.53
CA LYS A 212 -10.48 -2.52 -11.10
C LYS A 212 -9.69 -3.70 -10.49
N SER A 213 -8.42 -3.81 -10.87
CA SER A 213 -7.46 -4.72 -10.23
C SER A 213 -7.10 -4.24 -8.82
N ASP A 214 -6.95 -2.93 -8.64
CA ASP A 214 -6.83 -2.36 -7.30
C ASP A 214 -8.10 -2.61 -6.47
N VAL A 215 -9.27 -2.52 -7.10
CA VAL A 215 -10.53 -2.82 -6.38
C VAL A 215 -10.55 -4.27 -5.86
N TRP A 216 -10.14 -5.20 -6.68
CA TRP A 216 -9.98 -6.59 -6.26
C TRP A 216 -9.06 -6.72 -5.04
N ALA A 217 -7.90 -6.07 -5.10
CA ALA A 217 -6.92 -6.09 -4.01
C ALA A 217 -7.51 -5.43 -2.76
N PHE A 218 -8.34 -4.41 -2.94
CA PHE A 218 -9.02 -3.80 -1.80
C PHE A 218 -9.97 -4.75 -1.10
N GLY A 219 -10.71 -5.53 -1.88
CA GLY A 219 -11.58 -6.52 -1.33
C GLY A 219 -10.76 -7.57 -0.54
N VAL A 220 -9.59 -7.97 -1.04
CA VAL A 220 -8.75 -8.91 -0.29
C VAL A 220 -8.28 -8.24 1.02
N THR A 221 -7.89 -6.97 0.95
CA THR A 221 -7.49 -6.19 2.11
C THR A 221 -8.59 -6.04 3.17
N MET A 222 -9.82 -5.79 2.73
CA MET A 222 -10.98 -5.82 3.60
C MET A 222 -11.12 -7.16 4.30
N TRP A 223 -10.91 -8.23 3.58
CA TRP A 223 -10.99 -9.55 4.17
C TRP A 223 -9.88 -9.77 5.24
N GLU A 224 -8.64 -9.36 4.94
CA GLU A 224 -7.53 -9.41 5.88
C GLU A 224 -7.88 -8.64 7.17
N ILE A 225 -8.50 -7.50 7.01
CA ILE A 225 -8.91 -6.70 8.18
C ILE A 225 -10.02 -7.43 8.97
N ALA A 226 -11.01 -7.99 8.28
CA ALA A 226 -12.13 -8.65 8.96
C ALA A 226 -11.73 -9.92 9.70
N THR A 227 -10.71 -10.62 9.18
CA THR A 227 -10.16 -11.78 9.85
C THR A 227 -9.04 -11.47 10.87
N ARG A 228 -8.76 -10.19 11.12
CA ARG A 228 -7.70 -9.70 11.96
C ARG A 228 -6.33 -10.31 11.59
N GLY A 229 -6.05 -10.34 10.28
CA GLY A 229 -4.71 -10.56 9.77
C GLY A 229 -4.43 -11.95 9.24
N MET A 230 -5.45 -12.77 9.01
CA MET A 230 -5.25 -14.06 8.35
C MET A 230 -4.69 -13.89 6.95
N THR A 231 -3.87 -14.85 6.54
CA THR A 231 -3.41 -14.97 5.17
C THR A 231 -4.60 -15.34 4.30
N PRO A 232 -4.73 -14.67 3.12
CA PRO A 232 -5.87 -15.04 2.25
C PRO A 232 -5.85 -16.49 1.84
N TYR A 233 -7.03 -17.10 1.69
CA TYR A 233 -7.21 -18.41 1.11
C TYR A 233 -6.47 -19.49 1.92
N PRO A 234 -6.82 -19.61 3.20
CA PRO A 234 -6.31 -20.79 3.95
C PRO A 234 -6.49 -22.07 3.17
N GLY A 235 -5.46 -22.90 3.14
CA GLY A 235 -5.55 -24.20 2.49
C GLY A 235 -5.23 -24.16 1.02
N VAL A 236 -4.93 -22.98 0.47
CA VAL A 236 -4.66 -22.85 -0.94
C VAL A 236 -3.24 -22.33 -1.07
N GLN A 237 -2.45 -23.00 -1.89
CA GLN A 237 -1.09 -22.59 -2.11
C GLN A 237 -0.97 -21.55 -3.22
N ASN A 238 0.04 -20.68 -3.13
CA ASN A 238 0.20 -19.64 -4.13
C ASN A 238 0.14 -20.12 -5.57
N HIS A 239 0.83 -21.21 -5.89
CA HIS A 239 0.89 -21.66 -7.28
C HIS A 239 -0.43 -22.23 -7.77
N GLU A 240 -1.33 -22.57 -6.84
CA GLU A 240 -2.69 -23.02 -7.18
C GLU A 240 -3.65 -21.88 -7.42
N MET A 241 -3.25 -20.62 -7.21
CA MET A 241 -4.27 -19.55 -7.10
C MET A 241 -5.05 -19.26 -8.39
N TYR A 242 -4.35 -19.25 -9.51
CA TYR A 242 -4.98 -18.89 -10.77
C TYR A 242 -6.07 -19.92 -11.11
N ASP A 243 -5.73 -21.21 -11.04
CA ASP A 243 -6.74 -22.28 -11.26
C ASP A 243 -7.92 -22.18 -10.31
N TYR A 244 -7.62 -21.97 -9.03
CA TYR A 244 -8.62 -21.80 -8.00
C TYR A 244 -9.59 -20.71 -8.35
N LEU A 245 -9.06 -19.59 -8.81
CA LEU A 245 -9.90 -18.46 -9.19
C LEU A 245 -10.64 -18.69 -10.53
N LEU A 246 -9.98 -19.32 -11.49
CA LEU A 246 -10.62 -19.71 -12.76
C LEU A 246 -11.87 -20.59 -12.53
N HIS A 247 -11.87 -21.38 -11.48
CA HIS A 247 -13.01 -22.22 -11.14
C HIS A 247 -14.05 -21.50 -10.33
N GLY A 248 -13.92 -20.18 -10.20
CA GLY A 248 -14.91 -19.35 -9.55
C GLY A 248 -14.90 -19.29 -8.03
N HIS A 249 -13.91 -19.92 -7.41
CA HIS A 249 -13.78 -19.86 -5.96
C HIS A 249 -13.28 -18.50 -5.55
N ARG A 250 -13.75 -18.04 -4.41
CA ARG A 250 -13.38 -16.76 -3.85
C ARG A 250 -13.17 -16.86 -2.35
N LEU A 251 -12.61 -15.81 -1.74
CA LEU A 251 -12.47 -15.79 -0.27
C LEU A 251 -13.78 -16.04 0.45
N LYS A 252 -13.72 -16.86 1.49
CA LYS A 252 -14.90 -17.21 2.26
C LYS A 252 -15.26 -16.18 3.28
N GLN A 253 -16.51 -16.17 3.65
CA GLN A 253 -16.99 -15.17 4.57
C GLN A 253 -16.33 -15.43 5.94
N PRO A 254 -15.67 -14.42 6.53
CA PRO A 254 -15.11 -14.61 7.86
C PRO A 254 -16.18 -14.70 8.93
N GLU A 255 -15.85 -15.40 10.00
CA GLU A 255 -16.71 -15.46 11.17
C GLU A 255 -17.00 -14.07 11.71
N ASP A 256 -18.23 -13.86 12.16
CA ASP A 256 -18.72 -12.53 12.64
C ASP A 256 -18.69 -11.34 11.64
N CYS A 257 -18.48 -11.62 10.35
CA CYS A 257 -18.53 -10.59 9.32
C CYS A 257 -20.00 -10.44 8.94
N LEU A 258 -20.51 -9.23 9.08
CA LEU A 258 -21.85 -8.84 8.60
C LEU A 258 -22.04 -9.31 7.18
N ASP A 259 -23.21 -9.85 6.88
CA ASP A 259 -23.53 -10.26 5.51
C ASP A 259 -23.41 -9.10 4.52
N GLU A 260 -23.78 -7.91 4.96
CA GLU A 260 -23.72 -6.72 4.14
C GLU A 260 -22.28 -6.43 3.75
N LEU A 261 -21.41 -6.44 4.75
CA LEU A 261 -19.99 -6.25 4.52
C LEU A 261 -19.41 -7.29 3.56
N TYR A 262 -19.77 -8.54 3.72
CA TYR A 262 -19.27 -9.60 2.85
C TYR A 262 -19.72 -9.38 1.41
N GLU A 263 -20.98 -8.94 1.22
CA GLU A 263 -21.47 -8.59 -0.13
C GLU A 263 -20.62 -7.51 -0.82
N ILE A 264 -20.18 -6.54 -0.04
CA ILE A 264 -19.36 -5.45 -0.53
C ILE A 264 -18.01 -6.02 -0.94
N MET A 265 -17.43 -6.88 -0.10
CA MET A 265 -16.17 -7.52 -0.40
C MET A 265 -16.28 -8.30 -1.65
N TYR A 266 -17.30 -9.15 -1.78
CA TYR A 266 -17.29 -10.03 -2.96
C TYR A 266 -17.66 -9.35 -4.27
N SER A 267 -18.28 -8.17 -4.23
CA SER A 267 -18.46 -7.38 -5.45
C SER A 267 -17.10 -6.98 -6.06
N CYS A 268 -16.07 -6.95 -5.23
CA CYS A 268 -14.72 -6.64 -5.66
C CYS A 268 -14.09 -7.73 -6.43
N TRP A 269 -14.61 -8.95 -6.36
CA TRP A 269 -13.99 -10.10 -7.03
C TRP A 269 -14.83 -10.72 -8.20
N ARG A 270 -15.73 -9.92 -8.76
CA ARG A 270 -16.45 -10.32 -9.99
C ARG A 270 -15.43 -10.56 -11.07
N THR A 271 -15.67 -11.60 -11.85
CA THR A 271 -14.74 -12.01 -12.87
C THR A 271 -14.46 -10.91 -13.91
N ASP A 272 -15.52 -10.26 -14.37
CA ASP A 272 -15.37 -9.12 -15.30
C ASP A 272 -15.02 -7.88 -14.48
N PRO A 273 -13.87 -7.27 -14.76
CA PRO A 273 -13.52 -6.04 -14.06
C PRO A 273 -14.56 -4.96 -14.13
N LEU A 274 -15.28 -4.87 -15.27
CA LEU A 274 -16.32 -3.86 -15.45
C LEU A 274 -17.54 -4.06 -14.56
N ASP A 275 -17.77 -5.28 -14.07
CA ASP A 275 -18.78 -5.51 -13.03
C ASP A 275 -18.37 -5.13 -11.61
N ARG A 276 -17.08 -4.80 -11.36
CA ARG A 276 -16.68 -4.40 -10.01
C ARG A 276 -17.00 -2.94 -9.80
N PRO A 277 -17.30 -2.55 -8.54
CA PRO A 277 -17.55 -1.15 -8.29
C PRO A 277 -16.32 -0.31 -8.34
N THR A 278 -16.53 1.01 -8.32
CA THR A 278 -15.44 1.98 -8.23
C THR A 278 -15.20 2.22 -6.78
N PHE A 279 -14.06 2.84 -6.49
CA PHE A 279 -13.78 3.22 -5.12
C PHE A 279 -14.76 4.20 -4.53
N SER A 280 -15.29 5.13 -5.32
CA SER A 280 -16.36 6.01 -4.79
C SER A 280 -17.59 5.25 -4.32
N VAL A 281 -18.01 4.26 -5.10
CA VAL A 281 -19.19 3.47 -4.74
C VAL A 281 -18.91 2.64 -3.48
N LEU A 282 -17.75 1.98 -3.45
CA LEU A 282 -17.35 1.17 -2.27
C LEU A 282 -17.33 2.00 -1.04
N ARG A 283 -16.67 3.14 -1.14
CA ARG A 283 -16.51 4.01 -0.02
C ARG A 283 -17.83 4.46 0.54
N LEU A 284 -18.75 4.82 -0.36
CA LEU A 284 -20.08 5.25 0.08
C LEU A 284 -20.85 4.08 0.73
N GLN A 285 -20.79 2.89 0.11
CA GLN A 285 -21.43 1.70 0.70
C GLN A 285 -20.91 1.40 2.09
N LEU A 286 -19.61 1.56 2.31
CA LEU A 286 -19.04 1.29 3.62
C LEU A 286 -19.40 2.38 4.62
N GLU A 287 -19.38 3.65 4.20
CA GLU A 287 -19.82 4.75 5.10
C GLU A 287 -21.25 4.58 5.56
N LYS A 288 -22.12 4.24 4.62
CA LYS A 288 -23.50 3.91 4.92
C LYS A 288 -23.61 2.77 5.91
N LEU A 289 -22.84 1.70 5.68
CA LEU A 289 -22.91 0.54 6.59
C LEU A 289 -22.45 0.95 7.99
N LEU A 290 -21.31 1.61 8.08
CA LEU A 290 -20.78 2.08 9.35
C LEU A 290 -21.80 2.98 10.09
N GLU A 291 -22.40 3.92 9.36
CA GLU A 291 -23.50 4.78 9.90
C GLU A 291 -24.68 3.98 10.44
N SER A 292 -25.08 2.90 9.76
CA SER A 292 -26.21 2.09 10.21
C SER A 292 -25.98 1.31 11.52
N LEU A 293 -24.79 1.36 12.12
CA LEU A 293 -24.50 0.61 13.35
C LEU A 293 -24.42 1.51 14.59
N PRO A 294 -24.66 0.93 15.81
CA PRO A 294 -24.51 1.67 17.09
C PRO A 294 -23.14 2.36 17.31
N ASP A 295 -22.97 3.11 18.40
CA ASP A 295 -21.72 3.87 18.66
C ASP A 295 -20.61 3.01 19.27
C1 R6K B . 9.00 3.91 -9.92
C2 R6K B . 9.39 5.10 -9.03
C3 R6K B . 9.21 6.01 -6.77
N6 R6K B . 7.89 -0.38 12.24
C7 R6K B . 7.87 5.08 -2.76
C8 R6K B . 7.61 6.32 -3.34
C9 R6K B . 8.03 6.62 -4.62
C10 R6K B . 7.41 4.75 -1.38
C11 R6K B . 7.99 3.70 -0.68
C12 R6K B . 7.58 3.39 0.59
C13 R6K B . 6.57 4.11 1.23
C14 R6K B . 6.14 3.74 2.60
C15 R6K B . 5.55 1.88 3.99
C16 R6K B . 4.61 0.68 3.92
C19 R6K B . 6.90 1.33 4.54
C20 R6K B . 7.23 2.89 6.35
C21 R6K B . 7.21 3.20 7.82
C22 R6K B . 7.44 2.21 8.78
C24 R6K B . 7.14 3.85 10.49
C27 R6K B . 7.07 1.55 12.51
C30 R6K B . 5.99 5.15 0.52
C31 R6K B . 6.40 5.48 -0.76
C32 R6K B . 7.32 4.96 -7.89
C33 R6K B . 6.93 3.77 -8.71
O1 R6K B . 7.45 3.79 5.54
C25 R6K B . 6.94 4.54 8.29
N4 R6K B . 6.70 5.53 7.42
N3 R6K B . 6.91 4.83 9.60
C23 R6K B . 7.41 2.53 10.13
C26 R6K B . 7.50 1.49 11.18
C29 R6K B . 8.01 0.22 11.05
C28 R6K B . 8.29 -1.73 12.61
N5 R6K B . 7.30 0.42 13.16
N2 R6K B . 7.02 1.63 5.95
C18 R6K B . 6.90 -0.18 4.21
C17 R6K B . 5.52 -0.53 3.76
O R6K B . 5.70 2.39 2.67
C6 R6K B . 8.58 4.15 -3.52
C5 R6K B . 9.01 4.46 -4.81
C4 R6K B . 8.74 5.70 -5.37
N1 R6K B . 8.78 4.96 -7.70
N R6K B . 7.53 3.81 -10.03
C R6K B . 7.17 2.63 -10.81
CL CL C . 1.74 11.74 5.70
CL CL D . -18.41 -18.52 2.19
CL CL E . 6.55 -1.12 7.96
CL CL F . 23.94 7.86 7.97
CL CL G . -3.63 -15.61 11.47
CL CL H . -10.89 -18.35 2.00
C1 EDO I . 3.48 -14.65 -3.06
O1 EDO I . 3.34 -14.09 -4.36
C2 EDO I . 3.34 -13.60 -1.99
O2 EDO I . 3.24 -14.23 -0.71
C1 EDO J . -1.11 -6.78 -5.35
O1 EDO J . -0.14 -6.64 -6.37
C2 EDO J . -2.40 -6.11 -5.73
O2 EDO J . -2.30 -4.69 -5.58
#